data_5ZDG
#
_entry.id   5ZDG
#
_cell.length_a   63.044
_cell.length_b   63.044
_cell.length_c   130.976
_cell.angle_alpha   90.000
_cell.angle_beta   90.000
_cell.angle_gamma   120.000
#
_symmetry.space_group_name_H-M   'P 32 2 1'
#
loop_
_entity.id
_entity.type
_entity.pdbx_description
1 polymer 'Poly APD-ribose glycohydrolase'
2 non-polymer '[(2R,3S,4R,5R)-5-(6-AMINOPURIN-9-YL)-3,4-DIHYDROXY-OXOLAN-2-YL]METHYL[HYDROXY-[[(2R,3S,4R,5S)-3,4,5-TRIHYDROXYOXOLAN-2-YL]METHOXY]PHOSPHORYL] HYDROGEN PHOSPHATE'
3 water water
#
_entity_poly.entity_id   1
_entity_poly.type   'polypeptide(L)'
_entity_poly.pdbx_seq_one_letter_code
;VRLPGLAAMRQGTRLFTPEQGEDLREALRRRRGSFQTTCEVTSETTFAAARRLREKASALAALNFASAKNPGGGFLGGAQ
AQEEDLCRGSGLYFSLTSPQAEPYYAVNRQSHSALYTDHLIYSPQVPIFRDDAGQLLPAPVPVNIITAPAPNAGAVAQSR
PEQLPQVLPTLRERARRVLGVAAWMEQTHLVLGAWGCGVFRNDPAGVARTFRELLEGEAQGAFEHVTFAVLDNHPQHPRL
GAFRRELESLC
;
_entity_poly.pdbx_strand_id   C
#
loop_
_chem_comp.id
_chem_comp.type
_chem_comp.name
_chem_comp.formula
AR6 non-polymer '[(2R,3S,4R,5R)-5-(6-AMINOPURIN-9-YL)-3,4-DIHYDROXY-OXOLAN-2-YL]METHYL[HYDROXY-[[(2R,3S,4R,5S)-3,4,5-TRIHYDROXYOXOLAN-2-YL]METHOXY]PHOSPHORYL] HYDROGEN PHOSPHATE' 'C15 H23 N5 O14 P2'
#
# COMPACT_ATOMS: atom_id res chain seq x y z
N VAL A 1 28.45 -3.27 -8.68
CA VAL A 1 28.34 -2.28 -7.62
C VAL A 1 26.88 -2.17 -7.17
N ARG A 2 26.64 -1.96 -5.87
CA ARG A 2 25.29 -1.88 -5.32
C ARG A 2 24.69 -0.50 -5.57
N LEU A 3 23.43 -0.46 -6.05
CA LEU A 3 22.91 0.81 -6.55
C LEU A 3 22.69 1.80 -5.42
N PRO A 4 22.64 3.09 -5.75
CA PRO A 4 22.56 4.13 -4.72
C PRO A 4 21.42 3.89 -3.74
N GLY A 5 21.67 4.21 -2.47
CA GLY A 5 20.64 4.31 -1.46
C GLY A 5 19.97 3.02 -1.06
N LEU A 6 20.40 1.88 -1.60
CA LEU A 6 19.81 0.62 -1.19
C LEU A 6 20.18 0.29 0.26
N ALA A 7 21.44 0.53 0.63
CA ALA A 7 21.90 0.28 1.99
C ALA A 7 21.10 1.08 3.01
N ALA A 8 21.05 2.41 2.85
CA ALA A 8 20.35 3.23 3.85
C ALA A 8 18.89 2.82 3.93
N MET A 9 18.28 2.46 2.80
CA MET A 9 16.89 2.00 2.81
C MET A 9 16.74 0.64 3.48
N ARG A 10 17.63 -0.30 3.18
CA ARG A 10 17.47 -1.61 3.80
C ARG A 10 17.75 -1.52 5.28
N GLN A 11 18.76 -0.76 5.66
CA GLN A 11 19.07 -0.62 7.08
C GLN A 11 17.94 0.05 7.82
N GLY A 12 17.25 1.01 7.18
CA GLY A 12 16.14 1.67 7.83
C GLY A 12 14.81 0.93 7.78
N THR A 13 14.73 -0.19 7.07
CA THR A 13 13.47 -0.90 6.94
C THR A 13 12.97 -1.35 8.31
N ARG A 14 11.67 -1.31 8.51
CA ARG A 14 11.18 -1.52 9.87
C ARG A 14 9.82 -2.19 9.83
N LEU A 15 9.60 -3.11 10.77
CA LEU A 15 8.39 -3.91 10.88
C LEU A 15 7.44 -3.33 11.93
N PHE A 16 6.18 -3.17 11.57
CA PHE A 16 5.13 -2.92 12.55
C PHE A 16 4.39 -4.22 12.77
N THR A 17 4.32 -4.65 14.02
CA THR A 17 3.66 -5.92 14.36
C THR A 17 2.27 -5.65 14.89
N PRO A 18 1.40 -6.68 14.93
CA PRO A 18 0.00 -6.43 15.30
C PRO A 18 -0.17 -5.89 16.71
N GLU A 19 0.83 -6.06 17.58
CA GLU A 19 0.71 -5.47 18.90
C GLU A 19 0.88 -3.95 18.88
N GLN A 20 1.37 -3.37 17.79
CA GLN A 20 1.38 -1.91 17.64
C GLN A 20 0.06 -1.36 17.14
N GLY A 21 -1.01 -2.16 17.17
CA GLY A 21 -2.28 -1.72 16.59
C GLY A 21 -2.75 -0.40 17.17
N GLU A 22 -2.68 -0.26 18.50
CA GLU A 22 -3.18 0.97 19.11
C GLU A 22 -2.18 2.12 19.01
N ASP A 23 -0.88 1.80 18.91
CA ASP A 23 0.09 2.87 18.65
C ASP A 23 -0.18 3.52 17.31
N LEU A 24 -0.57 2.72 16.32
CA LEU A 24 -0.86 3.25 15.00
C LEU A 24 -2.13 4.09 14.99
N ARG A 25 -3.13 3.71 15.79
CA ARG A 25 -4.40 4.42 15.68
C ARG A 25 -4.41 5.68 16.54
N GLU A 26 -3.65 5.69 17.63
CA GLU A 26 -3.49 6.97 18.32
C GLU A 26 -2.63 7.93 17.53
N ALA A 27 -1.81 7.42 16.61
CA ALA A 27 -1.11 8.30 15.69
C ALA A 27 -2.07 8.89 14.66
N LEU A 28 -3.10 8.14 14.27
CA LEU A 28 -4.13 8.71 13.41
C LEU A 28 -5.00 9.69 14.19
N ARG A 29 -5.47 9.28 15.38
CA ARG A 29 -6.13 10.19 16.30
C ARG A 29 -5.36 11.52 16.38
N ARG A 30 -4.08 11.44 16.72
CA ARG A 30 -3.31 12.66 16.96
C ARG A 30 -3.18 13.52 15.71
N ARG A 31 -3.24 12.95 14.51
CA ARG A 31 -3.03 13.71 13.29
C ARG A 31 -4.31 14.08 12.55
N ARG A 32 -5.45 13.52 12.94
CA ARG A 32 -6.72 13.84 12.30
C ARG A 32 -6.97 15.35 12.29
N GLY A 33 -7.51 15.84 11.17
CA GLY A 33 -7.84 17.25 11.07
C GLY A 33 -6.64 18.16 11.10
N SER A 34 -5.60 17.83 10.35
CA SER A 34 -4.41 18.67 10.26
C SER A 34 -4.31 19.43 8.95
N PHE A 35 -4.85 18.87 7.87
CA PHE A 35 -4.85 19.51 6.56
C PHE A 35 -6.25 19.48 6.00
N GLN A 36 -6.48 20.32 4.99
CA GLN A 36 -7.60 20.10 4.07
C GLN A 36 -7.06 19.13 3.02
N THR A 37 -7.36 17.84 3.21
CA THR A 37 -6.78 16.80 2.39
C THR A 37 -7.41 16.84 1.00
N THR A 38 -6.59 17.13 -0.01
CA THR A 38 -7.03 17.06 -1.39
C THR A 38 -6.78 15.64 -1.90
N CYS A 39 -7.72 15.08 -2.66
CA CYS A 39 -7.61 13.69 -3.06
C CYS A 39 -8.06 13.50 -4.50
N GLU A 40 -7.35 12.65 -5.24
CA GLU A 40 -7.67 12.36 -6.63
C GLU A 40 -7.88 10.86 -6.84
N VAL A 41 -8.33 10.53 -8.04
CA VAL A 41 -8.39 9.17 -8.55
C VAL A 41 -7.91 9.21 -9.98
N THR A 42 -6.86 8.46 -10.28
CA THR A 42 -6.18 8.54 -11.56
C THR A 42 -6.04 7.15 -12.15
N SER A 43 -5.45 7.11 -13.34
CA SER A 43 -5.23 5.89 -14.09
C SER A 43 -3.74 5.55 -14.18
N GLU A 44 -2.90 6.14 -13.32
CA GLU A 44 -1.47 5.95 -13.45
C GLU A 44 -1.01 4.77 -12.61
N THR A 45 0.17 4.25 -12.94
CA THR A 45 0.81 3.29 -12.05
C THR A 45 1.11 3.98 -10.72
N THR A 46 1.24 3.19 -9.66
CA THR A 46 1.50 3.83 -8.37
C THR A 46 2.85 4.55 -8.38
N PHE A 47 3.85 4.03 -9.11
CA PHE A 47 5.12 4.75 -9.17
C PHE A 47 5.04 5.98 -10.08
N ALA A 48 4.17 5.97 -11.10
CA ALA A 48 4.03 7.17 -11.91
C ALA A 48 3.38 8.30 -11.12
N ALA A 49 2.43 7.98 -10.25
CA ALA A 49 1.85 9.00 -9.39
C ALA A 49 2.82 9.43 -8.29
N ALA A 50 3.66 8.51 -7.81
CA ALA A 50 4.70 8.88 -6.85
C ALA A 50 5.69 9.86 -7.48
N ARG A 51 6.22 9.54 -8.66
CA ARG A 51 7.21 10.41 -9.28
C ARG A 51 6.62 11.75 -9.65
N ARG A 52 5.35 11.79 -10.00
CA ARG A 52 4.70 13.08 -10.26
C ARG A 52 4.56 13.89 -8.98
N LEU A 53 4.09 13.24 -7.92
CA LEU A 53 3.86 13.92 -6.64
C LEU A 53 5.15 14.41 -5.99
N ARG A 54 6.31 13.85 -6.35
CA ARG A 54 7.50 13.98 -5.50
C ARG A 54 7.85 15.44 -5.22
N GLU A 55 7.88 16.29 -6.25
CA GLU A 55 8.47 17.62 -6.09
C GLU A 55 7.67 18.51 -5.16
N LYS A 56 6.37 18.29 -5.02
CA LYS A 56 5.55 19.07 -4.10
C LYS A 56 5.17 18.28 -2.85
N ALA A 57 5.88 17.21 -2.54
CA ALA A 57 5.58 16.34 -1.40
C ALA A 57 6.68 16.46 -0.37
N SER A 58 6.31 16.88 0.84
CA SER A 58 7.32 16.93 1.89
C SER A 58 7.67 15.53 2.37
N ALA A 59 6.72 14.60 2.31
CA ALA A 59 6.89 13.26 2.85
C ALA A 59 5.99 12.31 2.10
N LEU A 60 6.55 11.48 1.23
CA LEU A 60 5.76 10.74 0.25
C LEU A 60 5.75 9.24 0.56
N ALA A 61 4.55 8.66 0.64
CA ALA A 61 4.40 7.22 0.84
C ALA A 61 3.50 6.61 -0.22
N ALA A 62 3.67 5.31 -0.44
CA ALA A 62 2.88 4.57 -1.42
C ALA A 62 2.68 3.16 -0.91
N LEU A 63 1.51 2.59 -1.24
CA LEU A 63 1.06 1.31 -0.69
C LEU A 63 1.44 0.16 -1.62
N ASN A 64 2.19 -0.79 -1.09
CA ASN A 64 2.53 -2.01 -1.83
C ASN A 64 1.42 -3.04 -1.62
N PHE A 65 0.80 -3.47 -2.72
CA PHE A 65 -0.24 -4.51 -2.68
C PHE A 65 0.47 -5.85 -2.54
N ALA A 66 0.89 -6.13 -1.31
CA ALA A 66 1.93 -7.12 -1.11
C ALA A 66 1.39 -8.54 -1.04
N SER A 67 2.30 -9.49 -1.26
CA SER A 67 2.15 -10.88 -0.84
C SER A 67 2.43 -11.01 0.67
N ALA A 68 1.60 -11.79 1.36
CA ALA A 68 1.84 -12.05 2.77
C ALA A 68 2.98 -13.04 2.98
N LYS A 69 3.22 -13.92 2.00
CA LYS A 69 4.03 -15.10 2.24
C LYS A 69 5.37 -15.08 1.54
N ASN A 70 5.53 -14.32 0.45
CA ASN A 70 6.79 -14.30 -0.28
C ASN A 70 7.10 -12.89 -0.73
N PRO A 71 8.28 -12.37 -0.40
CA PRO A 71 8.67 -11.02 -0.87
C PRO A 71 8.58 -10.92 -2.39
N GLY A 72 7.95 -9.85 -2.87
CA GLY A 72 7.75 -9.68 -4.28
C GLY A 72 6.88 -10.77 -4.89
N GLY A 73 6.17 -11.49 -4.03
CA GLY A 73 5.30 -12.56 -4.44
C GLY A 73 5.97 -13.73 -5.12
N GLY A 74 7.28 -13.67 -5.38
CA GLY A 74 7.92 -14.75 -6.09
C GLY A 74 7.83 -14.66 -7.61
N PHE A 75 7.30 -13.57 -8.15
CA PHE A 75 7.34 -13.29 -9.58
C PHE A 75 6.80 -14.43 -10.45
N ALA A 79 2.60 -12.21 -11.91
CA ALA A 79 3.68 -11.76 -12.77
C ALA A 79 3.26 -10.56 -13.65
N GLN A 80 2.03 -10.08 -13.44
CA GLN A 80 1.58 -8.76 -13.92
C GLN A 80 1.25 -7.84 -12.75
N ALA A 81 1.46 -8.31 -11.52
CA ALA A 81 0.98 -7.67 -10.32
C ALA A 81 1.71 -6.36 -10.01
N GLN A 82 1.11 -5.58 -9.13
CA GLN A 82 1.67 -4.28 -8.76
C GLN A 82 2.93 -4.44 -7.91
N GLU A 83 2.94 -5.39 -6.96
CA GLU A 83 4.17 -5.52 -6.17
C GLU A 83 5.36 -5.86 -7.06
N GLU A 84 5.15 -6.64 -8.12
CA GLU A 84 6.26 -6.98 -8.99
C GLU A 84 6.67 -5.80 -9.86
N ASP A 85 5.71 -4.92 -10.20
CA ASP A 85 6.05 -3.67 -10.87
C ASP A 85 6.96 -2.81 -10.00
N LEU A 86 6.71 -2.74 -8.69
CA LEU A 86 7.58 -1.91 -7.86
C LEU A 86 8.94 -2.55 -7.63
N CYS A 87 8.99 -3.87 -7.50
CA CYS A 87 10.28 -4.52 -7.32
C CYS A 87 11.17 -4.37 -8.55
N ARG A 88 10.58 -4.45 -9.75
CA ARG A 88 11.38 -4.38 -10.98
C ARG A 88 11.94 -2.99 -11.24
N GLY A 89 11.39 -1.96 -10.60
CA GLY A 89 11.79 -0.60 -10.93
C GLY A 89 12.25 0.21 -9.74
N SER A 90 12.47 -0.45 -8.62
CA SER A 90 12.93 0.21 -7.40
C SER A 90 13.79 -0.76 -6.61
N GLY A 91 14.32 -0.27 -5.49
CA GLY A 91 15.03 -1.08 -4.54
C GLY A 91 14.14 -1.88 -3.58
N LEU A 92 12.82 -1.87 -3.80
CA LEU A 92 11.87 -2.50 -2.85
C LEU A 92 12.31 -3.91 -2.42
N TYR A 93 12.78 -4.73 -3.36
CA TYR A 93 13.04 -6.12 -3.02
C TYR A 93 14.17 -6.25 -2.00
N PHE A 94 15.24 -5.48 -2.20
CA PHE A 94 16.35 -5.45 -1.24
C PHE A 94 15.87 -5.06 0.17
N SER A 95 14.76 -4.35 0.28
CA SER A 95 14.20 -4.02 1.58
C SER A 95 13.35 -5.16 2.11
N LEU A 96 12.52 -5.77 1.27
CA LEU A 96 11.59 -6.77 1.78
C LEU A 96 12.30 -8.04 2.21
N THR A 97 13.44 -8.34 1.61
CA THR A 97 14.21 -9.50 2.03
C THR A 97 15.16 -9.16 3.18
N SER A 98 15.02 -7.99 3.78
CA SER A 98 15.92 -7.61 4.86
C SER A 98 15.60 -8.42 6.12
N PRO A 99 16.59 -8.63 6.98
CA PRO A 99 16.35 -9.50 8.15
C PRO A 99 15.21 -9.04 9.05
N GLN A 100 15.08 -7.74 9.35
CA GLN A 100 14.05 -7.34 10.30
C GLN A 100 12.65 -7.51 9.73
N ALA A 101 12.55 -7.71 8.41
CA ALA A 101 11.27 -7.95 7.77
C ALA A 101 10.85 -9.41 7.78
N GLU A 102 11.77 -10.31 8.10
CA GLU A 102 11.46 -11.74 8.01
C GLU A 102 10.22 -12.15 8.80
N PRO A 103 9.96 -11.61 9.99
CA PRO A 103 8.79 -12.09 10.74
C PRO A 103 7.48 -11.84 10.05
N TYR A 104 7.37 -10.81 9.22
CA TYR A 104 6.15 -10.60 8.44
C TYR A 104 5.85 -11.81 7.56
N TYR A 105 6.86 -12.31 6.84
CA TYR A 105 6.65 -13.49 6.01
C TYR A 105 6.54 -14.74 6.87
N ALA A 106 7.48 -14.91 7.81
CA ALA A 106 7.45 -16.08 8.68
C ALA A 106 6.09 -16.26 9.34
N VAL A 107 5.59 -15.22 10.01
CA VAL A 107 4.31 -15.38 10.71
C VAL A 107 3.18 -15.63 9.72
N ASN A 108 3.16 -14.95 8.56
CA ASN A 108 2.03 -15.11 7.65
C ASN A 108 1.93 -16.53 7.14
N ARG A 109 3.07 -17.21 6.94
CA ARG A 109 3.06 -18.59 6.48
C ARG A 109 2.57 -19.53 7.58
N GLN A 110 3.07 -19.33 8.81
CA GLN A 110 2.59 -20.11 9.96
C GLN A 110 1.14 -19.82 10.29
N SER A 111 0.62 -18.68 9.82
CA SER A 111 -0.78 -18.32 10.01
C SER A 111 -1.73 -19.36 9.41
N HIS A 112 -1.39 -19.90 8.23
CA HIS A 112 -2.24 -20.87 7.55
C HIS A 112 -3.67 -20.37 7.40
N SER A 113 -3.85 -19.06 7.33
CA SER A 113 -5.15 -18.44 7.12
C SER A 113 -5.04 -17.39 6.03
N ALA A 114 -6.00 -17.39 5.11
CA ALA A 114 -5.90 -16.50 3.96
C ALA A 114 -6.24 -15.06 4.27
N LEU A 115 -6.66 -14.76 5.51
CA LEU A 115 -6.82 -13.37 5.94
C LEU A 115 -5.50 -12.77 6.41
N TYR A 116 -4.48 -13.59 6.61
CA TYR A 116 -3.15 -13.14 6.99
C TYR A 116 -3.11 -12.41 8.34
N THR A 117 -1.91 -12.02 8.77
CA THR A 117 -1.74 -11.28 10.02
C THR A 117 -1.63 -9.78 9.74
N ASP A 118 -1.60 -8.99 10.81
CA ASP A 118 -1.51 -7.53 10.70
C ASP A 118 -0.07 -7.03 10.85
N HIS A 119 0.93 -7.74 10.34
CA HIS A 119 2.27 -7.15 10.24
C HIS A 119 2.34 -6.23 9.02
N LEU A 120 3.08 -5.12 9.15
CA LEU A 120 3.36 -4.19 8.05
C LEU A 120 4.85 -3.90 7.99
N ILE A 121 5.35 -3.71 6.78
CA ILE A 121 6.76 -3.38 6.56
C ILE A 121 6.86 -1.96 6.03
N TYR A 122 7.67 -1.16 6.70
CA TYR A 122 7.91 0.22 6.32
C TYR A 122 9.29 0.31 5.70
N SER A 123 9.32 0.72 4.44
CA SER A 123 10.56 0.78 3.69
C SER A 123 10.88 2.24 3.44
N PRO A 124 11.86 2.83 4.13
CA PRO A 124 12.10 4.26 3.99
C PRO A 124 13.01 4.57 2.81
N GLN A 125 12.60 5.57 2.03
CA GLN A 125 13.40 6.15 0.95
C GLN A 125 13.90 5.07 0.01
N VAL A 126 12.93 4.39 -0.60
CA VAL A 126 13.14 3.38 -1.63
C VAL A 126 13.40 4.12 -2.93
N PRO A 127 14.55 3.89 -3.56
CA PRO A 127 14.82 4.53 -4.86
C PRO A 127 13.92 3.96 -5.96
N ILE A 128 13.27 4.85 -6.71
CA ILE A 128 12.63 4.48 -7.98
C ILE A 128 13.62 4.70 -9.11
N PHE A 129 14.02 3.61 -9.78
CA PHE A 129 15.07 3.69 -10.80
C PHE A 129 14.53 3.79 -12.22
N ARG A 130 13.29 3.37 -12.49
CA ARG A 130 12.85 3.30 -13.88
C ARG A 130 11.39 3.72 -14.01
N ASP A 131 11.08 4.32 -15.16
CA ASP A 131 9.70 4.67 -15.44
C ASP A 131 8.94 3.44 -15.94
N ASP A 132 7.66 3.62 -16.27
CA ASP A 132 6.83 2.52 -16.74
C ASP A 132 7.39 1.91 -18.02
N ALA A 133 8.03 2.72 -18.87
CA ALA A 133 8.65 2.16 -20.07
C ALA A 133 9.84 1.29 -19.71
N GLY A 134 10.42 1.47 -18.53
CA GLY A 134 11.58 0.72 -18.10
C GLY A 134 12.93 1.31 -18.46
N GLN A 135 13.00 2.60 -18.81
CA GLN A 135 14.30 3.25 -18.97
C GLN A 135 14.76 3.88 -17.66
N LEU A 136 16.05 4.17 -17.58
CA LEU A 136 16.64 4.80 -16.40
C LEU A 136 16.03 6.18 -16.16
N LEU A 137 15.85 6.54 -14.91
CA LEU A 137 15.60 7.95 -14.62
C LEU A 137 16.93 8.70 -14.63
N PRO A 138 16.92 10.02 -14.88
CA PRO A 138 18.16 10.80 -14.68
C PRO A 138 18.75 10.48 -13.33
N ALA A 139 18.00 10.88 -12.32
CA ALA A 139 18.28 10.64 -10.94
C ALA A 139 17.19 9.76 -10.36
N PRO A 140 17.53 8.82 -9.49
CA PRO A 140 16.48 8.01 -8.81
C PRO A 140 15.60 8.88 -7.92
N VAL A 141 14.34 8.49 -7.80
CA VAL A 141 13.34 9.22 -7.02
C VAL A 141 13.02 8.42 -5.78
N PRO A 142 13.27 8.93 -4.57
CA PRO A 142 12.92 8.16 -3.38
C PRO A 142 11.44 8.25 -3.06
N VAL A 143 10.87 7.11 -2.64
CA VAL A 143 9.50 7.06 -2.11
C VAL A 143 9.51 6.08 -0.93
N ASN A 144 8.82 6.46 0.15
CA ASN A 144 8.58 5.56 1.26
C ASN A 144 7.45 4.59 0.89
N ILE A 145 7.61 3.31 1.25
CA ILE A 145 6.65 2.27 0.88
C ILE A 145 6.15 1.55 2.13
N ILE A 146 4.82 1.47 2.23
CA ILE A 146 4.14 0.68 3.23
C ILE A 146 3.71 -0.61 2.56
N THR A 147 4.24 -1.73 3.02
CA THR A 147 3.91 -3.07 2.51
C THR A 147 3.00 -3.79 3.51
N ALA A 148 1.85 -4.28 3.01
CA ALA A 148 0.89 -5.02 3.82
C ALA A 148 -0.02 -5.82 2.90
N PRO A 149 -0.40 -7.04 3.27
CA PRO A 149 -1.23 -7.85 2.37
C PRO A 149 -2.72 -7.68 2.62
N ALA A 150 -3.46 -7.32 1.58
CA ALA A 150 -4.90 -7.39 1.66
C ALA A 150 -5.33 -8.84 1.85
N PRO A 151 -6.42 -9.08 2.56
CA PRO A 151 -6.88 -10.46 2.72
C PRO A 151 -7.16 -11.06 1.35
N ASN A 152 -6.68 -12.30 1.16
CA ASN A 152 -6.80 -12.98 -0.14
C ASN A 152 -8.23 -13.49 -0.30
N ALA A 153 -9.11 -12.58 -0.73
CA ALA A 153 -10.53 -12.90 -0.85
C ALA A 153 -10.75 -14.11 -1.74
N GLY A 154 -10.10 -14.13 -2.91
CA GLY A 154 -10.19 -15.29 -3.77
C GLY A 154 -9.89 -16.59 -3.05
N ALA A 155 -8.85 -16.60 -2.23
CA ALA A 155 -8.47 -17.85 -1.60
C ALA A 155 -9.48 -18.24 -0.54
N VAL A 156 -9.94 -17.28 0.25
CA VAL A 156 -10.95 -17.56 1.27
C VAL A 156 -12.19 -18.17 0.64
N ALA A 157 -12.56 -17.71 -0.57
CA ALA A 157 -13.79 -18.20 -1.19
C ALA A 157 -13.65 -19.64 -1.69
N GLN A 158 -12.43 -20.07 -2.01
CA GLN A 158 -12.16 -21.42 -2.54
C GLN A 158 -11.61 -22.39 -1.51
N SER A 159 -11.29 -21.90 -0.30
CA SER A 159 -10.48 -22.66 0.65
C SER A 159 -11.03 -22.61 2.07
N ARG A 160 -11.50 -21.45 2.52
CA ARG A 160 -12.01 -21.30 3.88
C ARG A 160 -13.24 -20.41 3.85
N PRO A 161 -14.30 -20.83 3.14
CA PRO A 161 -15.48 -19.95 3.02
C PRO A 161 -16.08 -19.54 4.34
N GLU A 162 -15.79 -20.25 5.42
CA GLU A 162 -16.28 -19.80 6.71
C GLU A 162 -15.69 -18.44 7.09
N GLN A 163 -14.50 -18.09 6.58
CA GLN A 163 -13.95 -16.76 6.81
C GLN A 163 -14.39 -15.71 5.80
N LEU A 164 -15.38 -16.00 4.94
CA LEU A 164 -15.95 -14.95 4.10
C LEU A 164 -16.43 -13.75 4.91
N PRO A 165 -17.20 -13.91 5.99
CA PRO A 165 -17.64 -12.72 6.74
C PRO A 165 -16.50 -11.92 7.34
N GLN A 166 -15.31 -12.49 7.47
CA GLN A 166 -14.25 -11.69 8.05
C GLN A 166 -13.41 -10.97 7.01
N VAL A 167 -13.68 -11.18 5.72
CA VAL A 167 -12.89 -10.58 4.66
C VAL A 167 -12.94 -9.06 4.75
N LEU A 168 -14.13 -8.49 4.54
CA LEU A 168 -14.26 -7.04 4.67
C LEU A 168 -13.78 -6.51 6.02
N PRO A 169 -14.15 -7.07 7.17
CA PRO A 169 -13.60 -6.52 8.43
C PRO A 169 -12.09 -6.57 8.49
N THR A 170 -11.47 -7.64 7.99
CA THR A 170 -10.01 -7.69 7.94
C THR A 170 -9.45 -6.55 7.11
N LEU A 171 -9.94 -6.42 5.87
CA LEU A 171 -9.46 -5.35 5.00
C LEU A 171 -9.64 -3.99 5.65
N ARG A 172 -10.70 -3.82 6.45
CA ARG A 172 -10.99 -2.53 7.04
C ARG A 172 -10.04 -2.21 8.18
N GLU A 173 -9.82 -3.14 9.11
CA GLU A 173 -8.89 -2.84 10.20
C GLU A 173 -7.46 -2.74 9.68
N ARG A 174 -7.15 -3.48 8.61
CA ARG A 174 -5.80 -3.41 8.03
C ARG A 174 -5.60 -2.11 7.27
N ALA A 175 -6.59 -1.68 6.47
CA ALA A 175 -6.52 -0.35 5.87
C ALA A 175 -6.30 0.71 6.94
N ARG A 176 -7.01 0.60 8.08
CA ARG A 176 -6.86 1.56 9.16
C ARG A 176 -5.45 1.54 9.74
N ARG A 177 -4.77 0.38 9.70
CA ARG A 177 -3.38 0.36 10.18
C ARG A 177 -2.41 0.87 9.14
N VAL A 178 -2.74 0.73 7.85
CA VAL A 178 -1.91 1.33 6.81
C VAL A 178 -1.90 2.84 6.94
N LEU A 179 -3.08 3.45 7.09
CA LEU A 179 -3.13 4.88 7.40
C LEU A 179 -2.41 5.20 8.70
N GLY A 180 -2.49 4.29 9.68
CA GLY A 180 -1.85 4.53 10.95
C GLY A 180 -0.33 4.53 10.85
N VAL A 181 0.23 3.66 10.00
CA VAL A 181 1.67 3.66 9.80
C VAL A 181 2.11 4.93 9.09
N ALA A 182 1.34 5.39 8.10
CA ALA A 182 1.69 6.60 7.37
C ALA A 182 1.58 7.86 8.23
N ALA A 183 0.63 7.89 9.18
CA ALA A 183 0.58 9.01 10.12
C ALA A 183 1.67 8.88 11.18
N TRP A 184 1.92 7.65 11.66
CA TRP A 184 2.99 7.42 12.61
C TRP A 184 4.33 7.88 12.04
N MET A 185 4.59 7.60 10.76
CA MET A 185 5.75 8.13 10.06
C MET A 185 5.58 9.56 9.54
N GLU A 186 4.48 10.24 9.91
CA GLU A 186 4.19 11.62 9.50
C GLU A 186 4.46 11.86 8.00
N GLN A 187 3.77 11.07 7.17
CA GLN A 187 3.75 11.28 5.73
C GLN A 187 2.69 12.32 5.36
N THR A 188 2.96 13.08 4.29
CA THR A 188 1.98 14.07 3.86
C THR A 188 1.16 13.58 2.69
N HIS A 189 1.77 12.81 1.77
CA HIS A 189 1.19 12.48 0.47
C HIS A 189 1.15 10.97 0.33
N LEU A 190 -0.05 10.40 0.20
CA LEU A 190 -0.20 8.96 0.04
C LEU A 190 -0.57 8.62 -1.40
N VAL A 191 0.07 7.59 -1.92
CA VAL A 191 -0.32 6.99 -3.18
C VAL A 191 -0.97 5.66 -2.86
N LEU A 192 -2.30 5.59 -3.00
CA LEU A 192 -3.08 4.40 -2.72
C LEU A 192 -3.53 3.73 -4.04
N GLY A 193 -4.59 2.92 -3.99
CA GLY A 193 -5.04 2.24 -5.20
C GLY A 193 -5.96 1.08 -4.94
N ALA A 194 -6.12 0.23 -5.96
CA ALA A 194 -7.08 -0.89 -5.96
C ALA A 194 -6.54 -2.10 -5.17
N TRP A 195 -6.31 -1.85 -3.88
CA TRP A 195 -5.67 -2.80 -2.96
C TRP A 195 -6.25 -4.22 -2.99
N GLY A 196 -5.45 -5.15 -3.47
CA GLY A 196 -5.81 -6.56 -3.56
C GLY A 196 -7.14 -6.79 -4.23
N CYS A 197 -7.51 -5.92 -5.18
CA CYS A 197 -8.68 -6.10 -6.01
C CYS A 197 -8.37 -6.82 -7.31
N GLY A 198 -7.10 -7.16 -7.54
CA GLY A 198 -6.69 -7.97 -8.67
C GLY A 198 -6.50 -9.43 -8.31
N VAL A 199 -5.25 -9.86 -8.13
CA VAL A 199 -4.96 -11.27 -7.87
C VAL A 199 -5.68 -11.78 -6.63
N PHE A 200 -5.93 -10.92 -5.65
CA PHE A 200 -6.59 -11.31 -4.42
C PHE A 200 -8.11 -11.23 -4.50
N ARG A 201 -8.65 -10.71 -5.61
CA ARG A 201 -10.06 -10.84 -5.97
C ARG A 201 -11.03 -10.18 -4.97
N ASN A 202 -10.59 -9.15 -4.24
CA ASN A 202 -11.54 -8.38 -3.45
C ASN A 202 -12.46 -7.56 -4.35
N ASP A 203 -13.58 -7.11 -3.79
CA ASP A 203 -14.52 -6.28 -4.56
C ASP A 203 -13.98 -4.85 -4.63
N PRO A 204 -13.75 -4.30 -5.83
CA PRO A 204 -13.17 -2.94 -5.90
C PRO A 204 -14.08 -1.87 -5.36
N ALA A 205 -15.40 -2.01 -5.52
CA ALA A 205 -16.33 -1.10 -4.87
C ALA A 205 -16.13 -1.12 -3.35
N GLY A 206 -15.81 -2.30 -2.79
CA GLY A 206 -15.63 -2.40 -1.35
C GLY A 206 -14.35 -1.77 -0.86
N VAL A 207 -13.25 -2.00 -1.57
CA VAL A 207 -11.99 -1.38 -1.17
C VAL A 207 -12.07 0.14 -1.31
N ALA A 208 -12.61 0.61 -2.43
CA ALA A 208 -12.77 2.05 -2.63
C ALA A 208 -13.61 2.67 -1.50
N ARG A 209 -14.72 2.01 -1.14
CA ARG A 209 -15.61 2.55 -0.11
C ARG A 209 -14.91 2.57 1.27
N THR A 210 -14.16 1.51 1.59
CA THR A 210 -13.46 1.45 2.87
C THR A 210 -12.48 2.61 3.02
N PHE A 211 -11.76 2.93 1.93
CA PHE A 211 -10.85 4.07 1.95
C PHE A 211 -11.62 5.37 2.18
N ARG A 212 -12.77 5.53 1.51
CA ARG A 212 -13.55 6.75 1.68
C ARG A 212 -14.11 6.86 3.08
N GLU A 213 -14.55 5.75 3.66
CA GLU A 213 -15.00 5.76 5.05
C GLU A 213 -13.88 6.27 5.96
N LEU A 214 -12.67 5.73 5.80
CA LEU A 214 -11.58 6.11 6.69
C LEU A 214 -11.15 7.55 6.44
N LEU A 215 -10.91 7.92 5.18
CA LEU A 215 -10.56 9.29 4.85
C LEU A 215 -11.62 10.29 5.28
N GLU A 216 -12.87 9.85 5.41
CA GLU A 216 -13.93 10.70 5.93
C GLU A 216 -14.03 10.64 7.44
N GLY A 217 -13.77 9.49 8.04
CA GLY A 217 -13.85 9.29 9.47
C GLY A 217 -12.55 9.42 10.25
N GLU A 218 -11.89 8.31 10.58
CA GLU A 218 -10.77 8.37 11.53
C GLU A 218 -9.55 9.08 10.94
N ALA A 219 -9.40 9.11 9.61
CA ALA A 219 -8.25 9.72 8.96
C ALA A 219 -8.57 11.05 8.28
N GLN A 220 -9.70 11.69 8.61
CA GLN A 220 -10.06 12.96 7.97
C GLN A 220 -9.03 14.02 8.33
N GLY A 221 -8.58 14.77 7.33
CA GLY A 221 -7.59 15.77 7.66
C GLY A 221 -6.19 15.26 7.91
N ALA A 222 -6.00 13.95 8.09
CA ALA A 222 -4.73 13.42 8.59
C ALA A 222 -3.58 13.53 7.59
N PHE A 223 -3.86 13.63 6.30
CA PHE A 223 -2.81 13.74 5.28
C PHE A 223 -3.11 14.93 4.37
N GLU A 224 -2.11 15.33 3.59
CA GLU A 224 -2.29 16.51 2.76
C GLU A 224 -2.87 16.17 1.40
N HIS A 225 -2.40 15.08 0.81
CA HIS A 225 -2.85 14.63 -0.49
C HIS A 225 -2.87 13.09 -0.55
N VAL A 226 -3.98 12.55 -1.00
CA VAL A 226 -4.15 11.12 -1.23
C VAL A 226 -4.50 10.94 -2.70
N THR A 227 -3.70 10.18 -3.42
CA THR A 227 -3.95 9.94 -4.83
C THR A 227 -4.20 8.44 -5.00
N PHE A 228 -5.30 8.11 -5.65
CA PHE A 228 -5.67 6.72 -5.87
C PHE A 228 -5.22 6.35 -7.28
N ALA A 229 -4.04 5.73 -7.37
CA ALA A 229 -3.41 5.38 -8.64
C ALA A 229 -3.85 3.96 -9.02
N VAL A 230 -4.95 3.88 -9.77
CA VAL A 230 -5.50 2.60 -10.20
C VAL A 230 -5.16 2.39 -11.68
N LEU A 231 -4.40 1.35 -11.98
CA LEU A 231 -4.12 1.02 -13.36
C LEU A 231 -5.12 -0.03 -13.85
N ASP A 232 -5.70 0.23 -15.01
CA ASP A 232 -6.75 -0.65 -15.52
C ASP A 232 -6.65 -0.66 -17.04
N ASN A 233 -6.14 -1.77 -17.57
CA ASN A 233 -6.04 -1.92 -19.02
C ASN A 233 -7.22 -2.64 -19.63
N HIS A 234 -7.94 -3.46 -18.84
CA HIS A 234 -9.11 -4.16 -19.32
C HIS A 234 -10.09 -3.16 -19.94
N PRO A 235 -10.60 -3.43 -21.15
CA PRO A 235 -11.42 -2.41 -21.84
C PRO A 235 -12.64 -1.98 -21.04
N GLN A 236 -13.10 -2.84 -20.15
CA GLN A 236 -14.18 -2.50 -19.22
C GLN A 236 -13.74 -1.44 -18.19
N HIS A 237 -12.46 -1.47 -17.79
CA HIS A 237 -11.92 -0.65 -16.72
C HIS A 237 -12.76 -0.80 -15.44
N PRO A 238 -12.92 -2.04 -14.93
CA PRO A 238 -13.82 -2.23 -13.78
C PRO A 238 -13.27 -1.68 -12.48
N ARG A 239 -11.96 -1.80 -12.24
CA ARG A 239 -11.36 -1.32 -11.01
C ARG A 239 -11.41 0.20 -10.94
N LEU A 240 -10.85 0.87 -11.94
CA LEU A 240 -10.85 2.34 -11.98
C LEU A 240 -12.26 2.89 -11.89
N GLY A 241 -13.19 2.32 -12.65
CA GLY A 241 -14.58 2.74 -12.57
C GLY A 241 -15.13 2.72 -11.16
N ALA A 242 -14.81 1.66 -10.40
CA ALA A 242 -15.29 1.57 -9.03
C ALA A 242 -14.66 2.63 -8.12
N PHE A 243 -13.39 2.96 -8.36
CA PHE A 243 -12.73 3.95 -7.51
C PHE A 243 -13.13 5.37 -7.89
N ARG A 244 -13.27 5.65 -9.20
CA ARG A 244 -13.74 6.95 -9.64
C ARG A 244 -15.20 7.16 -9.30
N ARG A 245 -15.98 6.07 -9.29
CA ARG A 245 -17.39 6.18 -8.94
C ARG A 245 -17.58 6.40 -7.45
N GLU A 246 -16.84 5.68 -6.62
CA GLU A 246 -17.09 5.69 -5.18
C GLU A 246 -16.36 6.82 -4.46
N LEU A 247 -15.31 7.40 -5.06
CA LEU A 247 -14.57 8.49 -4.42
C LEU A 247 -14.83 9.85 -5.07
N GLU A 248 -15.89 10.00 -5.88
CA GLU A 248 -16.25 11.31 -6.39
C GLU A 248 -16.89 12.17 -5.31
N SER A 249 -17.48 11.53 -4.29
CA SER A 249 -17.93 12.21 -3.08
C SER A 249 -16.80 13.05 -2.49
N LEU A 250 -15.61 12.46 -2.36
CA LEU A 250 -14.45 13.12 -1.79
C LEU A 250 -13.72 14.06 -2.74
N CYS A 251 -14.05 14.06 -4.04
CA CYS A 251 -13.46 15.00 -5.00
C CYS A 251 -14.31 15.12 -6.27
N1 AR6 B . 0.39 0.24 -10.48
C2 AR6 B . -0.80 0.71 -10.03
N3 AR6 B . -1.88 -0.10 -10.01
C4 AR6 B . -1.78 -1.37 -10.45
C5 AR6 B . -0.60 -1.83 -10.89
C6 AR6 B . 0.51 -1.01 -10.91
N6 AR6 B . 1.90 -1.14 -11.31
N7 AR6 B . -0.76 -3.11 -11.26
C8 AR6 B . -2.04 -3.43 -11.04
N9 AR6 B . -2.67 -2.37 -10.53
PA AR6 B . -2.58 -6.68 -7.66
PB AR6 B . -3.83 -7.60 -5.08
C1' AR6 B . -4.05 -2.33 -10.19
O1A AR6 B . -3.28 -7.81 -8.35
O1B AR6 B . -4.96 -8.07 -5.98
C1D AR6 B . 0.88 -10.34 -6.31
O1D AR6 B . 1.09 -11.57 -6.58
C2' AR6 B . -4.75 -3.15 -10.98
O2' AR6 B . -6.05 -2.50 -11.26
O2A AR6 B . -1.14 -6.69 -8.08
O2B AR6 B . -4.50 -6.80 -3.97
C2D AR6 B . 1.34 -10.01 -4.92
O2D AR6 B . 2.65 -10.64 -4.66
C3' AR6 B . -5.03 -4.42 -10.15
O3' AR6 B . -6.18 -4.96 -10.49
O3A AR6 B . -2.73 -6.75 -5.99
C3D AR6 B . 0.36 -10.52 -4.16
O3D AR6 B . 0.51 -11.93 -3.95
C4' AR6 B . -5.11 -3.88 -8.66
O4' AR6 B . -4.37 -2.79 -8.64
C4D AR6 B . -1.01 -10.19 -4.99
O4D AR6 B . -0.68 -10.04 -6.24
C5' AR6 B . -4.55 -4.95 -7.72
O5' AR6 B . -3.26 -5.28 -8.16
C5D AR6 B . -1.62 -8.89 -4.49
O5D AR6 B . -3.04 -8.94 -4.48
#